data_6TCG
#
_entry.id   6TCG
#
_entity_poly.entity_id   1
_entity_poly.type   'polydeoxyribonucleotide'
_entity_poly.pdbx_seq_one_letter_code
;(DG)(DG)(DG)(DA)(DT)(DG)(DG)(DG)(DA)(DC)(DA)(DC)(DA)(GF2)(GFL)(DG)(DG)(DA)(DC)
(DG)(DG)(DG)
;
_entity_poly.pdbx_strand_id   A
#